data_3LHX
#
_entry.id   3LHX
#
_cell.length_a   86.871
_cell.length_b   169.014
_cell.length_c   44.624
_cell.angle_alpha   90.000
_cell.angle_beta   90.000
_cell.angle_gamma   90.000
#
_symmetry.space_group_name_H-M   'P 21 21 2'
#
loop_
_entity.id
_entity.type
_entity.pdbx_description
1 polymer Ketodeoxygluconokinase
2 water water
#
_entity_poly.entity_id   1
_entity_poly.type   'polypeptide(L)'
_entity_poly.pdbx_seq_one_letter_code
;(MSE)SLSKKIAVIGEC(MSE)IELSEKGADVKRGFGGDTLNTSVYIARQVDPAALTVHYVTALGTDSFSQQ(MSE)LDA
WHGENVDTSLTQR(MSE)ENRLPGLYYIETDSTGERTFYYWRNEAAAKFWLASEQSAAICEELANFDYLYLSGISLAILS
PTSREKLLSLLRECRAKGGKVIFDNNYRPRLWASKEETQQVYQQ(MSE)LECTDIAFLTLDDEDALWGQQPVEDVIARTH
NAGVKEVVVKRGADSCLVSIAGEALVDVPAVKLPKEKVIDTTAAGDSFSAGYLAVRLTGGSAENAAKRGHLTASTVIQYR
GAIIPREA(MSE)PAEGHHHHHH
;
_entity_poly.pdbx_strand_id   A,B
#
# COMPACT_ATOMS: atom_id res chain seq x y z
N SER A 4 27.13 -19.11 21.61
CA SER A 4 25.79 -19.73 21.26
C SER A 4 25.57 -19.87 19.75
N LYS A 5 24.66 -20.77 19.35
CA LYS A 5 24.30 -20.89 17.94
C LYS A 5 23.47 -19.67 17.49
N LYS A 6 23.46 -19.42 16.18
CA LYS A 6 22.72 -18.31 15.60
C LYS A 6 21.81 -18.88 14.50
N ILE A 7 20.55 -18.49 14.55
CA ILE A 7 19.67 -18.74 13.43
C ILE A 7 19.26 -17.41 12.85
N ALA A 8 19.41 -17.27 11.54
CA ALA A 8 18.82 -16.14 10.86
C ALA A 8 17.53 -16.57 10.16
N VAL A 9 16.49 -15.76 10.36
CA VAL A 9 15.17 -16.02 9.75
C VAL A 9 14.94 -14.91 8.73
N ILE A 10 14.73 -15.30 7.48
CA ILE A 10 14.70 -14.34 6.39
C ILE A 10 13.30 -14.26 5.79
N GLY A 11 12.75 -13.05 5.68
CA GLY A 11 11.54 -12.82 4.88
C GLY A 11 10.96 -11.45 5.14
N GLU A 12 9.64 -11.37 5.16
CA GLU A 12 8.93 -10.10 5.23
C GLU A 12 7.96 -9.99 6.40
N CYS A 13 7.97 -8.82 7.04
CA CYS A 13 6.92 -8.43 8.00
C CYS A 13 6.31 -7.14 7.51
N ILE A 15 3.18 -3.98 7.81
CA ILE A 15 2.23 -3.23 8.59
C ILE A 15 0.85 -3.88 8.49
N GLU A 16 0.24 -4.15 9.63
CA GLU A 16 -1.03 -4.84 9.68
C GLU A 16 -2.09 -3.89 10.19
N LEU A 17 -3.21 -3.83 9.48
CA LEU A 17 -4.45 -3.16 9.93
C LEU A 17 -5.55 -4.20 10.02
N SER A 18 -6.28 -4.17 11.14
CA SER A 18 -7.40 -5.09 11.35
C SER A 18 -8.64 -4.34 11.80
N GLU A 19 -9.79 -4.68 11.25
CA GLU A 19 -11.01 -3.93 11.55
C GLU A 19 -12.13 -4.86 12.00
N ASP A 23 -14.27 -0.57 15.09
CA ASP A 23 -12.91 -0.47 15.63
C ASP A 23 -11.81 -0.95 14.65
N VAL A 24 -10.73 -0.18 14.57
CA VAL A 24 -9.60 -0.44 13.65
C VAL A 24 -8.26 -0.33 14.41
N LYS A 25 -7.43 -1.38 14.37
CA LYS A 25 -6.18 -1.38 15.14
C LYS A 25 -4.96 -1.50 14.23
N ARG A 26 -3.83 -0.93 14.64
CA ARG A 26 -2.62 -1.10 13.85
C ARG A 26 -1.59 -1.96 14.57
N GLY A 27 -1.04 -2.95 13.85
CA GLY A 27 0.10 -3.75 14.32
C GLY A 27 1.09 -4.09 13.22
N PHE A 28 1.67 -5.28 13.30
CA PHE A 28 2.58 -5.79 12.27
C PHE A 28 2.43 -7.30 12.23
N GLY A 29 2.66 -7.90 11.07
CA GLY A 29 2.63 -9.36 10.96
C GLY A 29 3.34 -9.83 9.71
N GLY A 30 3.87 -11.05 9.77
CA GLY A 30 4.40 -11.66 8.57
C GLY A 30 4.81 -13.03 8.99
N ASP A 31 4.63 -14.01 8.09
CA ASP A 31 4.87 -15.43 8.45
C ASP A 31 6.20 -15.67 9.17
N THR A 32 7.31 -15.23 8.59
CA THR A 32 8.62 -15.58 9.13
C THR A 32 8.97 -14.78 10.36
N LEU A 33 8.41 -13.60 10.47
CA LEU A 33 8.60 -12.78 11.71
C LEU A 33 7.87 -13.43 12.91
N ASN A 34 6.64 -13.89 12.69
CA ASN A 34 5.89 -14.60 13.71
C ASN A 34 6.70 -15.81 14.21
N THR A 35 7.21 -16.60 13.27
CA THR A 35 8.09 -17.72 13.64
C THR A 35 9.29 -17.25 14.48
N SER A 36 9.99 -16.20 14.02
CA SER A 36 11.18 -15.68 14.79
C SER A 36 10.79 -15.34 16.25
N VAL A 37 9.69 -14.62 16.41
CA VAL A 37 9.22 -14.24 17.75
C VAL A 37 8.94 -15.48 18.60
N TYR A 38 8.24 -16.47 18.04
CA TYR A 38 7.97 -17.70 18.78
C TYR A 38 9.19 -18.53 19.11
N ILE A 39 10.24 -18.46 18.28
CA ILE A 39 11.47 -19.17 18.66
C ILE A 39 12.10 -18.38 19.80
N ALA A 40 12.24 -17.07 19.60
CA ALA A 40 12.83 -16.19 20.63
C ALA A 40 12.16 -16.29 22.00
N ARG A 41 10.85 -16.55 22.03
CA ARG A 41 10.16 -16.68 23.30
C ARG A 41 10.48 -17.94 24.09
N GLN A 42 11.06 -18.95 23.42
CA GLN A 42 11.22 -20.27 24.04
C GLN A 42 12.62 -20.79 24.15
N VAL A 43 13.61 -20.09 23.63
CA VAL A 43 14.96 -20.62 23.72
C VAL A 43 15.83 -19.85 24.70
N ASP A 44 16.85 -20.53 25.20
CA ASP A 44 17.85 -19.91 26.05
C ASP A 44 18.76 -19.12 25.14
N PRO A 45 18.84 -17.80 25.37
CA PRO A 45 19.70 -16.94 24.57
C PRO A 45 21.15 -17.39 24.57
N ALA A 46 21.57 -18.13 25.60
CA ALA A 46 22.93 -18.69 25.67
C ALA A 46 23.10 -19.87 24.70
N ALA A 47 21.99 -20.54 24.38
CA ALA A 47 22.01 -21.70 23.46
C ALA A 47 21.75 -21.30 22.00
N LEU A 48 20.87 -20.33 21.81
CA LEU A 48 20.46 -19.93 20.46
C LEU A 48 19.95 -18.50 20.39
N THR A 49 20.56 -17.71 19.51
CA THR A 49 20.09 -16.34 19.27
C THR A 49 19.32 -16.28 17.95
N VAL A 50 18.28 -15.43 17.93
CA VAL A 50 17.35 -15.29 16.80
C VAL A 50 17.54 -13.95 16.07
N HIS A 51 17.90 -14.03 14.80
CA HIS A 51 18.13 -12.85 13.97
C HIS A 51 17.17 -12.78 12.82
N TYR A 52 16.40 -11.69 12.77
CA TYR A 52 15.45 -11.48 11.66
C TYR A 52 16.14 -10.66 10.59
N VAL A 53 16.07 -11.16 9.35
CA VAL A 53 16.79 -10.56 8.24
C VAL A 53 15.79 -10.13 7.19
N THR A 54 15.64 -8.81 7.05
CA THR A 54 14.69 -8.23 6.16
C THR A 54 15.20 -6.84 5.75
N ALA A 55 14.32 -6.07 5.15
CA ALA A 55 14.57 -4.64 4.94
C ALA A 55 13.28 -3.92 5.25
N LEU A 56 13.42 -2.70 5.79
CA LEU A 56 12.32 -1.82 6.18
C LEU A 56 12.59 -0.37 5.69
N GLY A 57 11.71 0.56 6.04
CA GLY A 57 11.89 1.99 5.70
C GLY A 57 12.67 2.71 6.80
N THR A 58 12.72 4.06 6.72
CA THR A 58 13.29 4.91 7.78
C THR A 58 12.12 5.56 8.47
N ASP A 59 10.93 5.19 8.08
CA ASP A 59 9.74 5.74 8.67
C ASP A 59 9.54 5.27 10.13
N SER A 60 8.52 5.82 10.78
CA SER A 60 8.26 5.50 12.17
C SER A 60 7.48 4.17 12.31
N PHE A 61 6.84 3.73 11.23
CA PHE A 61 6.23 2.39 11.21
C PHE A 61 7.34 1.34 11.26
N SER A 62 8.38 1.49 10.45
CA SER A 62 9.55 0.61 10.51
C SER A 62 10.16 0.66 11.89
N GLN A 63 10.19 1.85 12.50
CA GLN A 63 10.75 1.99 13.84
C GLN A 63 9.92 1.27 14.90
N GLN A 64 8.60 1.44 14.88
CA GLN A 64 7.75 0.75 15.86
C GLN A 64 7.90 -0.77 15.74
N LEU A 66 10.89 -2.45 14.68
CA LEU A 66 12.22 -2.75 15.20
C LEU A 66 12.31 -2.80 16.74
N ASP A 67 11.87 -1.72 17.40
CA ASP A 67 11.63 -1.71 18.87
C ASP A 67 10.75 -2.89 19.39
N ALA A 68 9.62 -3.15 18.73
CA ALA A 68 8.76 -4.28 19.16
C ALA A 68 9.54 -5.62 19.10
N TRP A 69 10.30 -5.82 18.02
CA TRP A 69 11.06 -7.07 17.85
C TRP A 69 12.20 -7.13 18.86
N HIS A 70 12.85 -5.99 19.08
CA HIS A 70 13.90 -5.90 20.12
C HIS A 70 13.35 -6.30 21.47
N GLY A 71 12.09 -5.96 21.71
CA GLY A 71 11.36 -6.30 22.94
C GLY A 71 11.06 -7.78 23.05
N GLU A 72 11.22 -8.50 21.95
CA GLU A 72 11.01 -9.95 21.93
C GLU A 72 12.34 -10.70 21.88
N ASN A 73 13.44 -9.98 22.05
CA ASN A 73 14.80 -10.51 21.96
C ASN A 73 15.19 -11.08 20.59
N VAL A 74 14.57 -10.53 19.54
CA VAL A 74 15.01 -10.77 18.18
C VAL A 74 16.00 -9.69 17.76
N ASP A 75 17.19 -10.11 17.37
CA ASP A 75 18.26 -9.24 16.91
C ASP A 75 18.01 -8.83 15.46
N THR A 76 18.13 -7.53 15.20
CA THR A 76 17.78 -6.97 13.89
C THR A 76 18.96 -6.31 13.19
N SER A 77 20.17 -6.69 13.61
CA SER A 77 21.37 -6.05 13.12
C SER A 77 21.57 -6.24 11.62
N LEU A 78 20.98 -7.29 11.05
CA LEU A 78 21.16 -7.58 9.62
C LEU A 78 19.99 -7.15 8.77
N THR A 79 19.03 -6.48 9.42
CA THR A 79 17.94 -5.85 8.75
C THR A 79 18.33 -4.43 8.26
N GLN A 80 18.04 -4.16 6.98
CA GLN A 80 18.37 -2.88 6.36
C GLN A 80 17.24 -1.90 6.48
N ARG A 81 17.61 -0.62 6.62
CA ARG A 81 16.68 0.49 6.63
C ARG A 81 16.83 1.27 5.29
N GLU A 83 15.86 4.31 2.86
CA GLU A 83 15.41 5.69 2.66
C GLU A 83 14.12 5.81 1.86
N ASN A 84 14.13 5.31 0.62
CA ASN A 84 13.05 5.57 -0.31
C ASN A 84 11.96 4.49 -0.46
N ARG A 85 11.79 3.68 0.59
CA ARG A 85 10.82 2.58 0.59
C ARG A 85 10.05 2.53 1.91
N LEU A 86 8.87 1.95 1.88
CA LEU A 86 8.07 1.75 3.09
C LEU A 86 7.89 0.24 3.25
N PRO A 87 7.51 -0.22 4.45
CA PRO A 87 7.09 -1.61 4.57
C PRO A 87 5.89 -1.89 3.70
N GLY A 88 5.69 -3.16 3.35
CA GLY A 88 4.40 -3.55 2.79
C GLY A 88 3.33 -3.33 3.83
N LEU A 89 2.08 -3.34 3.39
CA LEU A 89 0.97 -3.09 4.27
C LEU A 89 -0.17 -3.98 3.89
N TYR A 90 -0.82 -4.57 4.89
CA TYR A 90 -2.02 -5.36 4.63
C TYR A 90 -3.20 -5.02 5.54
N TYR A 91 -4.40 -5.40 5.11
CA TYR A 91 -5.62 -5.01 5.81
C TYR A 91 -6.55 -6.18 6.00
N ILE A 92 -6.86 -6.48 7.26
CA ILE A 92 -7.79 -7.57 7.62
C ILE A 92 -9.18 -7.05 8.02
N GLU A 93 -10.21 -7.49 7.30
CA GLU A 93 -11.62 -7.10 7.57
C GLU A 93 -12.41 -8.30 8.14
N THR A 94 -12.97 -8.12 9.35
CA THR A 94 -13.72 -9.19 10.04
C THR A 94 -15.14 -8.72 10.40
N GLU A 99 -15.41 -14.16 10.01
CA GLU A 99 -14.97 -14.36 8.63
C GLU A 99 -14.11 -13.19 8.07
N ARG A 100 -12.89 -13.52 7.68
CA ARG A 100 -11.86 -12.53 7.33
C ARG A 100 -11.62 -12.40 5.81
N THR A 101 -11.38 -11.17 5.37
CA THR A 101 -10.84 -10.88 4.03
C THR A 101 -9.51 -10.13 4.19
N PHE A 102 -8.54 -10.46 3.33
CA PHE A 102 -7.19 -9.91 3.39
C PHE A 102 -6.93 -9.03 2.16
N TYR A 103 -6.36 -7.85 2.39
CA TYR A 103 -6.06 -6.93 1.29
C TYR A 103 -4.60 -6.49 1.36
N TYR A 104 -3.93 -6.47 0.22
CA TYR A 104 -2.48 -6.21 0.21
C TYR A 104 -2.04 -5.02 -0.62
N TRP A 105 -1.03 -4.34 -0.09
CA TRP A 105 -0.30 -3.22 -0.66
C TRP A 105 1.18 -3.51 -0.38
N ARG A 106 1.69 -4.58 -1.01
CA ARG A 106 2.93 -5.13 -0.60
C ARG A 106 3.97 -5.13 -1.72
N ASN A 107 3.55 -4.70 -2.92
CA ASN A 107 4.37 -4.92 -4.11
C ASN A 107 5.60 -4.01 -4.28
N GLU A 108 5.78 -3.04 -3.38
CA GLU A 108 7.00 -2.24 -3.36
C GLU A 108 7.68 -2.21 -2.01
N ALA A 109 7.31 -3.15 -1.15
CA ALA A 109 7.90 -3.21 0.16
C ALA A 109 9.42 -3.30 0.12
N ALA A 110 10.06 -2.62 1.06
CA ALA A 110 11.51 -2.71 1.21
C ALA A 110 12.01 -4.16 1.24
N ALA A 111 11.28 -5.04 1.92
CA ALA A 111 11.73 -6.43 2.14
C ALA A 111 12.04 -7.12 0.82
N LYS A 112 11.41 -6.68 -0.26
CA LYS A 112 11.62 -7.32 -1.61
C LYS A 112 13.04 -7.12 -2.14
N PHE A 113 13.73 -6.11 -1.61
CA PHE A 113 14.97 -5.60 -2.23
C PHE A 113 16.24 -5.81 -1.41
N TRP A 114 16.15 -6.57 -0.32
CA TRP A 114 17.30 -6.76 0.60
C TRP A 114 18.51 -7.39 -0.06
N LEU A 115 18.33 -8.04 -1.21
CA LEU A 115 19.44 -8.65 -1.93
C LEU A 115 19.88 -7.84 -3.15
N ALA A 116 19.28 -6.69 -3.35
CA ALA A 116 19.63 -5.82 -4.48
C ALA A 116 20.18 -4.47 -3.99
N SER A 117 20.90 -4.47 -2.88
CA SER A 117 21.43 -3.22 -2.32
C SER A 117 22.95 -3.27 -2.21
N GLU A 118 23.53 -2.18 -1.72
CA GLU A 118 24.97 -2.11 -1.49
C GLU A 118 25.45 -2.85 -0.22
N GLN A 119 24.58 -3.03 0.77
CA GLN A 119 24.91 -3.87 1.93
C GLN A 119 24.70 -5.37 1.68
N SER A 120 24.03 -5.71 0.56
CA SER A 120 23.65 -7.11 0.26
C SER A 120 24.82 -8.10 0.39
N ALA A 121 25.85 -7.92 -0.43
CA ALA A 121 27.04 -8.79 -0.38
C ALA A 121 27.67 -8.94 1.02
N ALA A 122 27.69 -7.86 1.80
CA ALA A 122 28.33 -7.90 3.13
C ALA A 122 27.44 -8.58 4.19
N ILE A 123 26.14 -8.34 4.13
CA ILE A 123 25.19 -9.06 4.99
C ILE A 123 25.22 -10.57 4.68
N CYS A 124 25.15 -10.91 3.39
CA CYS A 124 25.32 -12.28 2.95
C CYS A 124 26.62 -12.92 3.44
N GLU A 125 27.72 -12.15 3.46
CA GLU A 125 28.96 -12.66 4.06
C GLU A 125 28.80 -13.02 5.53
N GLU A 126 28.09 -12.21 6.31
CA GLU A 126 27.81 -12.57 7.71
C GLU A 126 26.92 -13.85 7.77
N LEU A 127 25.90 -13.90 6.92
CA LEU A 127 24.90 -15.00 6.91
C LEU A 127 25.50 -16.36 6.51
N ALA A 128 26.41 -16.33 5.54
CA ALA A 128 27.16 -17.53 5.16
C ALA A 128 27.79 -18.27 6.35
N ASN A 129 28.05 -17.54 7.42
CA ASN A 129 28.68 -18.07 8.65
C ASN A 129 27.75 -18.50 9.79
N PHE A 130 26.45 -18.35 9.56
CA PHE A 130 25.44 -18.66 10.58
C PHE A 130 25.23 -20.18 10.71
N ASP A 131 24.81 -20.62 11.88
CA ASP A 131 24.51 -22.03 12.11
C ASP A 131 23.25 -22.51 11.36
N TYR A 132 22.24 -21.66 11.32
CA TYR A 132 20.95 -21.99 10.64
C TYR A 132 20.46 -20.79 9.87
N LEU A 133 19.93 -21.03 8.65
CA LEU A 133 19.20 -20.02 7.93
C LEU A 133 17.81 -20.63 7.67
N TYR A 134 16.78 -19.82 7.85
CA TYR A 134 15.38 -20.24 7.72
C TYR A 134 14.64 -19.28 6.82
N LEU A 135 13.85 -19.81 5.89
CA LEU A 135 12.99 -18.99 5.08
C LEU A 135 11.78 -19.80 4.67
N SER A 136 10.78 -19.08 4.21
CA SER A 136 9.56 -19.72 3.73
C SER A 136 9.36 -19.47 2.25
N GLY A 137 8.27 -20.06 1.74
CA GLY A 137 7.99 -19.89 0.33
C GLY A 137 7.66 -18.45 0.03
N ILE A 138 7.10 -17.73 1.01
CA ILE A 138 6.79 -16.29 0.86
C ILE A 138 8.11 -15.47 0.75
N SER A 139 9.09 -15.87 1.54
CA SER A 139 10.42 -15.22 1.45
C SER A 139 10.98 -15.26 -0.01
N LEU A 140 10.82 -16.40 -0.66
CA LEU A 140 11.21 -16.57 -2.07
C LEU A 140 10.28 -15.84 -3.06
N ALA A 141 8.96 -15.91 -2.85
CA ALA A 141 8.02 -15.32 -3.77
C ALA A 141 8.29 -13.83 -4.00
N ILE A 142 8.63 -13.10 -2.95
CA ILE A 142 8.70 -11.65 -3.06
C ILE A 142 10.00 -11.20 -3.74
N LEU A 143 10.92 -12.10 -4.01
CA LEU A 143 12.20 -11.73 -4.60
C LEU A 143 12.12 -11.86 -6.12
N SER A 144 12.86 -11.00 -6.83
CA SER A 144 13.01 -11.12 -8.28
C SER A 144 13.85 -12.39 -8.62
N PRO A 145 13.75 -12.92 -9.88
CA PRO A 145 14.65 -14.05 -10.21
C PRO A 145 16.10 -13.83 -9.85
N THR A 146 16.62 -12.64 -10.12
CA THR A 146 18.05 -12.38 -9.83
C THR A 146 18.37 -12.44 -8.34
N SER A 147 17.53 -11.83 -7.53
CA SER A 147 17.65 -11.94 -6.08
C SER A 147 17.50 -13.37 -5.55
N ARG A 148 16.53 -14.12 -6.06
CA ARG A 148 16.42 -15.55 -5.70
C ARG A 148 17.73 -16.32 -5.97
N GLU A 149 18.38 -16.01 -7.10
CA GLU A 149 19.61 -16.72 -7.42
C GLU A 149 20.70 -16.40 -6.42
N LYS A 150 20.84 -15.14 -6.00
CA LYS A 150 21.84 -14.77 -4.98
C LYS A 150 21.54 -15.44 -3.65
N LEU A 151 20.25 -15.53 -3.33
CA LEU A 151 19.86 -16.20 -2.09
C LEU A 151 20.27 -17.67 -2.16
N LEU A 152 19.97 -18.32 -3.29
CA LEU A 152 20.26 -19.76 -3.40
C LEU A 152 21.75 -19.96 -3.27
N SER A 153 22.49 -19.01 -3.86
CA SER A 153 23.95 -19.03 -3.76
C SER A 153 24.41 -18.90 -2.33
N LEU A 154 23.74 -18.04 -1.57
CA LEU A 154 24.10 -17.91 -0.15
C LEU A 154 23.84 -19.21 0.57
N LEU A 155 22.72 -19.87 0.24
CA LEU A 155 22.39 -21.10 0.98
C LEU A 155 23.45 -22.19 0.74
N ARG A 156 23.89 -22.30 -0.50
CA ARG A 156 24.94 -23.27 -0.83
C ARG A 156 26.23 -22.99 -0.06
N GLU A 157 26.65 -21.73 -0.02
CA GLU A 157 27.85 -21.31 0.72
C GLU A 157 27.72 -21.63 2.19
N CYS A 158 26.55 -21.32 2.77
CA CYS A 158 26.31 -21.59 4.19
C CYS A 158 26.45 -23.06 4.49
N ARG A 159 25.82 -23.91 3.66
CA ARG A 159 25.86 -25.36 3.89
C ARG A 159 27.28 -25.94 3.70
N ALA A 160 27.99 -25.47 2.69
CA ALA A 160 29.43 -25.85 2.52
C ALA A 160 30.26 -25.48 3.74
N LYS A 161 29.88 -24.41 4.44
CA LYS A 161 30.49 -24.05 5.71
C LYS A 161 29.99 -24.84 6.93
N GLY A 162 28.98 -25.70 6.73
CA GLY A 162 28.45 -26.51 7.81
C GLY A 162 27.19 -25.93 8.44
N GLY A 163 26.68 -24.83 7.86
CA GLY A 163 25.36 -24.33 8.31
C GLY A 163 24.27 -25.27 7.79
N LYS A 164 23.07 -25.19 8.39
CA LYS A 164 21.89 -25.98 7.95
C LYS A 164 20.78 -25.06 7.48
N VAL A 165 20.11 -25.46 6.41
CA VAL A 165 19.15 -24.59 5.81
C VAL A 165 17.74 -25.20 6.10
N ILE A 166 16.80 -24.34 6.51
CA ILE A 166 15.45 -24.79 6.94
C ILE A 166 14.45 -24.07 6.05
N PHE A 167 13.49 -24.82 5.48
CA PHE A 167 12.58 -24.19 4.57
C PHE A 167 11.15 -24.54 5.02
N ASP A 168 10.29 -23.54 5.04
CA ASP A 168 8.84 -23.76 5.31
C ASP A 168 8.12 -23.52 4.00
N ASN A 169 7.35 -24.50 3.52
CA ASN A 169 6.81 -24.42 2.17
C ASN A 169 5.61 -23.51 1.98
N ASN A 170 5.25 -22.74 3.02
CA ASN A 170 4.06 -21.81 3.02
C ASN A 170 3.74 -21.24 1.64
N TYR A 171 2.68 -21.73 1.03
CA TYR A 171 2.43 -21.49 -0.38
C TYR A 171 1.33 -20.45 -0.52
N ARG A 172 1.64 -19.32 -1.15
N ARG A 172 1.66 -19.32 -1.15
CA ARG A 172 0.63 -18.30 -1.44
CA ARG A 172 0.69 -18.24 -1.47
C ARG A 172 0.67 -18.01 -2.93
C ARG A 172 0.70 -18.02 -2.97
N PRO A 173 -0.21 -18.68 -3.72
CA PRO A 173 -0.18 -18.60 -5.19
C PRO A 173 -0.32 -17.16 -5.74
N ARG A 174 -1.01 -16.30 -5.00
CA ARG A 174 -1.16 -14.88 -5.41
C ARG A 174 0.16 -14.15 -5.54
N LEU A 175 1.20 -14.63 -4.85
CA LEU A 175 2.49 -13.95 -4.85
C LEU A 175 3.39 -14.37 -6.03
N TRP A 176 2.94 -15.38 -6.77
CA TRP A 176 3.76 -15.98 -7.84
C TRP A 176 3.19 -15.70 -9.21
N ALA A 177 4.09 -15.71 -10.21
CA ALA A 177 3.70 -15.45 -11.60
C ALA A 177 2.89 -16.61 -12.15
N SER A 178 3.24 -17.84 -11.76
CA SER A 178 2.56 -19.06 -12.24
C SER A 178 2.86 -20.22 -11.31
N LYS A 179 2.05 -21.27 -11.37
CA LYS A 179 2.33 -22.50 -10.62
C LYS A 179 3.64 -23.10 -11.08
N GLU A 180 3.88 -23.10 -12.40
CA GLU A 180 5.18 -23.54 -12.94
C GLU A 180 6.34 -22.79 -12.31
N GLU A 181 6.22 -21.49 -12.12
CA GLU A 181 7.35 -20.73 -11.56
C GLU A 181 7.61 -21.18 -10.11
N THR A 182 6.54 -21.33 -9.33
CA THR A 182 6.67 -21.82 -7.93
C THR A 182 7.33 -23.19 -7.88
N GLN A 183 6.83 -24.12 -8.70
CA GLN A 183 7.44 -25.45 -8.80
C GLN A 183 8.97 -25.43 -9.06
N GLN A 184 9.39 -24.66 -10.04
CA GLN A 184 10.82 -24.52 -10.37
C GLN A 184 11.63 -23.98 -9.20
N VAL A 185 11.13 -22.94 -8.54
CA VAL A 185 11.89 -22.32 -7.46
C VAL A 185 11.86 -23.22 -6.20
N TYR A 186 10.74 -23.87 -5.90
CA TYR A 186 10.73 -24.87 -4.80
C TYR A 186 11.69 -25.99 -5.04
N GLN A 187 11.71 -26.55 -6.26
CA GLN A 187 12.66 -27.62 -6.58
C GLN A 187 14.10 -27.14 -6.26
N GLN A 188 14.47 -25.95 -6.73
CA GLN A 188 15.82 -25.40 -6.46
C GLN A 188 16.04 -25.24 -4.96
N LEU A 190 14.56 -26.88 -2.37
CA LEU A 190 14.64 -28.16 -1.69
C LEU A 190 15.97 -28.93 -1.96
N GLU A 191 16.58 -28.67 -3.11
CA GLU A 191 17.93 -29.18 -3.42
C GLU A 191 19.01 -28.54 -2.55
N CYS A 192 18.64 -27.48 -1.82
CA CYS A 192 19.52 -26.71 -0.91
C CYS A 192 19.10 -26.77 0.55
N THR A 193 18.22 -27.69 0.93
CA THR A 193 17.54 -27.67 2.23
C THR A 193 17.89 -28.88 3.09
N ASP A 194 18.10 -28.63 4.38
CA ASP A 194 18.39 -29.67 5.33
C ASP A 194 17.13 -30.12 6.12
N ILE A 195 16.30 -29.17 6.45
CA ILE A 195 15.02 -29.50 7.15
C ILE A 195 13.90 -28.82 6.41
N ALA A 196 12.85 -29.58 6.04
CA ALA A 196 11.79 -28.92 5.28
C ALA A 196 10.54 -29.09 6.12
N PHE A 197 9.86 -27.98 6.41
CA PHE A 197 8.49 -28.05 7.02
C PHE A 197 7.54 -28.00 5.85
N LEU A 198 6.79 -29.08 5.64
CA LEU A 198 5.89 -29.10 4.50
C LEU A 198 4.44 -29.13 5.06
N THR A 199 3.70 -28.04 4.89
CA THR A 199 2.24 -28.09 5.16
C THR A 199 1.65 -28.94 4.05
N LEU A 200 0.98 -30.03 4.43
CA LEU A 200 0.50 -31.00 3.44
C LEU A 200 -0.54 -30.39 2.46
N ASP A 201 -1.41 -29.49 2.93
CA ASP A 201 -2.37 -28.83 1.98
C ASP A 201 -1.66 -27.96 0.94
N ASP A 202 -0.55 -27.37 1.32
CA ASP A 202 0.26 -26.61 0.40
C ASP A 202 0.89 -27.49 -0.65
N GLU A 203 1.40 -28.67 -0.28
CA GLU A 203 2.04 -29.57 -1.23
C GLU A 203 0.97 -30.03 -2.25
N ASP A 204 -0.22 -30.34 -1.72
CA ASP A 204 -1.37 -30.77 -2.57
C ASP A 204 -1.74 -29.66 -3.60
N ALA A 205 -1.75 -28.41 -3.14
CA ALA A 205 -2.10 -27.30 -4.01
C ALA A 205 -1.01 -27.05 -5.04
N LEU A 206 0.25 -27.10 -4.62
CA LEU A 206 1.35 -26.85 -5.57
C LEU A 206 1.62 -27.99 -6.55
N TRP A 207 1.66 -29.23 -6.06
CA TRP A 207 2.04 -30.35 -6.88
C TRP A 207 0.90 -31.29 -7.27
N GLY A 208 -0.31 -31.07 -6.78
CA GLY A 208 -1.40 -32.03 -6.98
C GLY A 208 -1.43 -33.04 -5.83
N GLN A 209 -2.62 -33.53 -5.49
CA GLN A 209 -2.76 -34.43 -4.35
C GLN A 209 -2.01 -35.74 -4.61
N GLN A 210 -1.13 -36.10 -3.68
CA GLN A 210 -0.31 -37.32 -3.77
C GLN A 210 -0.27 -37.86 -2.37
N PRO A 211 -0.07 -39.19 -2.22
CA PRO A 211 -0.03 -39.77 -0.91
C PRO A 211 1.12 -39.11 -0.09
N VAL A 212 0.91 -38.93 1.21
CA VAL A 212 1.97 -38.30 2.04
C VAL A 212 3.31 -39.04 1.97
N GLU A 213 3.29 -40.35 1.80
CA GLU A 213 4.54 -41.11 1.71
C GLU A 213 5.37 -40.70 0.49
N ASP A 214 4.71 -40.29 -0.57
CA ASP A 214 5.38 -39.87 -1.77
C ASP A 214 5.92 -38.43 -1.61
N VAL A 215 5.14 -37.58 -0.94
CA VAL A 215 5.59 -36.23 -0.59
C VAL A 215 6.90 -36.33 0.21
N ILE A 216 6.93 -37.23 1.20
CA ILE A 216 8.10 -37.48 1.98
C ILE A 216 9.30 -38.01 1.12
N ALA A 217 9.06 -39.08 0.37
CA ALA A 217 10.11 -39.65 -0.50
C ALA A 217 10.73 -38.67 -1.49
N ARG A 218 9.89 -37.91 -2.20
CA ARG A 218 10.40 -37.01 -3.27
C ARG A 218 11.24 -35.88 -2.67
N THR A 219 10.93 -35.55 -1.43
CA THR A 219 11.58 -34.47 -0.74
C THR A 219 12.92 -34.97 -0.23
N HIS A 220 12.96 -36.21 0.27
CA HIS A 220 14.25 -36.85 0.56
C HIS A 220 15.08 -36.98 -0.71
N ASN A 221 14.41 -37.34 -1.80
CA ASN A 221 15.05 -37.49 -3.10
C ASN A 221 15.74 -36.24 -3.62
N ALA A 222 15.16 -35.08 -3.31
CA ALA A 222 15.75 -33.82 -3.67
C ALA A 222 16.99 -33.52 -2.80
N GLY A 223 17.17 -34.25 -1.70
CA GLY A 223 18.37 -34.16 -0.85
C GLY A 223 18.10 -33.83 0.60
N VAL A 224 16.82 -33.59 0.93
CA VAL A 224 16.49 -33.11 2.30
C VAL A 224 16.58 -34.22 3.30
N LYS A 225 17.34 -34.03 4.37
CA LYS A 225 17.49 -35.06 5.36
C LYS A 225 16.26 -35.23 6.28
N GLU A 226 15.71 -34.12 6.74
CA GLU A 226 14.62 -34.17 7.76
C GLU A 226 13.39 -33.49 7.16
N VAL A 227 12.32 -34.26 6.99
CA VAL A 227 11.08 -33.77 6.39
C VAL A 227 10.01 -33.78 7.50
N VAL A 228 9.37 -32.63 7.72
CA VAL A 228 8.43 -32.46 8.83
C VAL A 228 7.12 -32.07 8.14
N VAL A 229 6.14 -32.95 8.27
CA VAL A 229 4.91 -32.75 7.55
C VAL A 229 3.83 -32.28 8.54
N LYS A 230 3.26 -31.06 8.29
CA LYS A 230 2.25 -30.43 9.15
C LYS A 230 0.91 -30.77 8.49
N ARG A 231 0.03 -31.36 9.26
CA ARG A 231 -1.26 -31.87 8.72
C ARG A 231 -2.47 -31.25 9.42
N GLY A 232 -2.29 -30.01 9.84
CA GLY A 232 -3.34 -29.25 10.56
C GLY A 232 -3.82 -29.96 11.83
N ALA A 233 -5.07 -30.42 11.85
CA ALA A 233 -5.56 -31.11 13.05
C ALA A 233 -5.04 -32.57 13.17
N ASP A 234 -4.60 -33.13 12.06
CA ASP A 234 -4.02 -34.45 11.95
C ASP A 234 -2.56 -34.46 12.47
N SER A 235 -2.02 -35.67 12.71
CA SER A 235 -0.73 -35.77 13.39
C SER A 235 0.41 -35.19 12.54
N CYS A 236 1.49 -34.78 13.22
CA CYS A 236 2.74 -34.35 12.52
C CYS A 236 3.56 -35.60 12.16
N LEU A 237 4.04 -35.72 10.92
CA LEU A 237 4.92 -36.84 10.55
C LEU A 237 6.37 -36.31 10.38
N VAL A 238 7.33 -36.88 11.10
CA VAL A 238 8.73 -36.49 10.88
C VAL A 238 9.49 -37.68 10.29
N SER A 239 10.01 -37.46 9.08
CA SER A 239 10.82 -38.46 8.41
C SER A 239 12.27 -38.02 8.27
N ILE A 240 13.15 -38.71 8.97
CA ILE A 240 14.62 -38.50 8.85
C ILE A 240 15.17 -39.62 8.01
N ALA A 241 15.90 -39.26 6.94
CA ALA A 241 16.38 -40.24 5.98
C ALA A 241 17.09 -41.38 6.70
N GLY A 242 16.74 -42.60 6.32
CA GLY A 242 17.33 -43.77 6.94
C GLY A 242 16.66 -44.21 8.25
N GLU A 243 15.71 -43.43 8.76
CA GLU A 243 15.06 -43.79 10.02
C GLU A 243 13.55 -43.99 9.86
N ALA A 244 12.99 -44.76 10.79
CA ALA A 244 11.55 -45.05 10.77
C ALA A 244 10.79 -43.76 11.00
N LEU A 245 9.58 -43.69 10.45
CA LEU A 245 8.75 -42.49 10.60
C LEU A 245 8.42 -42.19 12.04
N VAL A 246 8.36 -40.91 12.38
CA VAL A 246 7.91 -40.49 13.67
C VAL A 246 6.53 -39.83 13.46
N ASP A 247 5.57 -40.16 14.32
CA ASP A 247 4.18 -39.76 14.06
C ASP A 247 3.58 -39.23 15.38
N VAL A 248 3.32 -37.94 15.45
CA VAL A 248 3.00 -37.27 16.70
C VAL A 248 1.67 -36.51 16.61
N PRO A 249 0.63 -36.98 17.36
CA PRO A 249 -0.65 -36.23 17.31
C PRO A 249 -0.62 -34.95 18.17
N ALA A 250 -1.46 -33.96 17.85
CA ALA A 250 -1.68 -32.82 18.77
C ALA A 250 -2.49 -33.33 19.95
N VAL A 251 -2.47 -32.60 21.06
CA VAL A 251 -3.44 -32.83 22.13
C VAL A 251 -4.73 -32.19 21.60
N LYS A 252 -5.84 -32.92 21.68
CA LYS A 252 -7.11 -32.43 21.12
C LYS A 252 -7.60 -31.15 21.85
N LEU A 253 -8.12 -30.21 21.06
CA LEU A 253 -8.59 -28.93 21.57
C LEU A 253 -10.08 -28.79 21.23
N PRO A 254 -10.90 -28.46 22.24
CA PRO A 254 -12.34 -28.21 22.00
C PRO A 254 -12.47 -27.10 20.97
N LYS A 255 -13.24 -27.36 19.92
CA LYS A 255 -13.25 -26.47 18.73
C LYS A 255 -13.71 -25.04 19.00
N GLU A 256 -14.57 -24.86 20.00
CA GLU A 256 -14.97 -23.49 20.39
C GLU A 256 -13.79 -22.63 20.90
N LYS A 257 -12.72 -23.27 21.40
CA LYS A 257 -11.53 -22.51 21.87
C LYS A 257 -10.68 -22.03 20.70
N VAL A 258 -10.89 -22.59 19.51
CA VAL A 258 -10.19 -22.10 18.32
C VAL A 258 -10.77 -20.79 17.78
N ILE A 259 -10.12 -19.67 18.13
CA ILE A 259 -10.55 -18.32 17.73
C ILE A 259 -9.97 -17.87 16.37
N ASP A 260 -8.73 -18.27 16.08
CA ASP A 260 -8.01 -17.68 14.95
C ASP A 260 -6.85 -18.60 14.58
N THR A 261 -6.99 -19.30 13.45
CA THR A 261 -5.97 -20.20 13.01
C THR A 261 -4.78 -19.44 12.37
N THR A 262 -4.85 -18.11 12.36
CA THR A 262 -3.72 -17.30 11.91
C THR A 262 -2.50 -17.67 12.74
N ALA A 263 -1.40 -17.87 12.01
CA ALA A 263 -0.09 -18.19 12.58
C ALA A 263 0.07 -19.60 13.11
N ALA A 264 -0.92 -20.48 12.93
CA ALA A 264 -0.81 -21.83 13.44
C ALA A 264 0.44 -22.53 12.87
N GLY A 265 0.55 -22.51 11.56
CA GLY A 265 1.68 -23.22 10.93
C GLY A 265 3.00 -22.50 11.29
N ASP A 266 3.01 -21.17 11.29
CA ASP A 266 4.30 -20.43 11.56
C ASP A 266 4.77 -20.64 13.02
N SER A 267 3.80 -20.71 13.93
CA SER A 267 4.13 -21.03 15.36
C SER A 267 4.51 -22.50 15.58
N PHE A 268 3.91 -23.39 14.80
CA PHE A 268 4.33 -24.81 14.89
C PHE A 268 5.81 -24.94 14.50
N SER A 269 6.22 -24.30 13.39
CA SER A 269 7.65 -24.41 12.97
C SER A 269 8.58 -23.89 14.05
N ALA A 270 8.17 -22.79 14.68
CA ALA A 270 8.96 -22.16 15.73
C ALA A 270 9.11 -23.08 16.93
N GLY A 271 7.99 -23.63 17.36
CA GLY A 271 8.03 -24.57 18.53
C GLY A 271 8.92 -25.78 18.20
N TYR A 272 8.76 -26.31 17.01
CA TYR A 272 9.61 -27.42 16.59
C TYR A 272 11.11 -27.06 16.68
N LEU A 273 11.45 -25.88 16.16
CA LEU A 273 12.85 -25.50 16.10
C LEU A 273 13.38 -25.14 17.45
N ALA A 274 12.56 -24.54 18.31
CA ALA A 274 13.04 -24.19 19.67
C ALA A 274 13.59 -25.45 20.38
N VAL A 275 12.91 -26.58 20.18
CA VAL A 275 13.42 -27.87 20.66
C VAL A 275 14.49 -28.56 19.81
N ARG A 276 14.27 -28.67 18.50
CA ARG A 276 15.15 -29.46 17.67
C ARG A 276 16.55 -28.82 17.60
N LEU A 277 16.58 -27.50 17.68
CA LEU A 277 17.84 -26.83 17.49
C LEU A 277 18.57 -26.66 18.82
N THR A 278 17.97 -27.12 19.91
CA THR A 278 18.63 -27.09 21.22
C THR A 278 18.84 -28.49 21.78
N GLY A 279 18.99 -29.46 20.89
CA GLY A 279 19.31 -30.84 21.29
C GLY A 279 18.13 -31.79 21.51
N GLY A 280 16.89 -31.34 21.33
CA GLY A 280 15.75 -32.25 21.53
C GLY A 280 15.48 -33.21 20.37
N SER A 281 14.73 -34.28 20.66
CA SER A 281 14.39 -35.33 19.68
C SER A 281 13.33 -34.78 18.70
N ALA A 282 13.21 -35.42 17.53
CA ALA A 282 12.11 -35.14 16.56
C ALA A 282 10.78 -35.21 17.24
N GLU A 283 10.57 -36.24 18.06
CA GLU A 283 9.28 -36.39 18.76
C GLU A 283 8.99 -35.27 19.73
N ASN A 284 9.94 -34.88 20.60
CA ASN A 284 9.68 -33.71 21.43
C ASN A 284 9.56 -32.41 20.63
N ALA A 285 10.30 -32.30 19.53
CA ALA A 285 10.19 -31.07 18.71
C ALA A 285 8.75 -30.96 18.14
N ALA A 286 8.21 -32.07 17.70
CA ALA A 286 6.83 -32.12 17.19
C ALA A 286 5.80 -31.80 18.29
N LYS A 287 6.02 -32.37 19.48
CA LYS A 287 5.17 -32.06 20.62
C LYS A 287 5.16 -30.58 20.95
N ARG A 288 6.33 -29.97 20.96
CA ARG A 288 6.38 -28.53 21.24
C ARG A 288 5.79 -27.73 20.07
N GLY A 289 6.01 -28.14 18.83
CA GLY A 289 5.28 -27.51 17.72
C GLY A 289 3.77 -27.50 17.97
N HIS A 290 3.23 -28.67 18.27
CA HIS A 290 1.80 -28.80 18.58
C HIS A 290 1.35 -27.98 19.76
N LEU A 291 2.08 -28.05 20.86
CA LEU A 291 1.73 -27.22 22.02
C LEU A 291 1.70 -25.72 21.69
N THR A 292 2.71 -25.24 20.92
CA THR A 292 2.79 -23.84 20.60
C THR A 292 1.62 -23.46 19.71
N ALA A 293 1.42 -24.21 18.65
CA ALA A 293 0.32 -23.92 17.73
C ALA A 293 -1.03 -23.95 18.50
N SER A 294 -1.21 -24.93 19.40
CA SER A 294 -2.48 -25.08 20.17
C SER A 294 -2.83 -23.84 20.95
N THR A 295 -1.81 -23.24 21.56
CA THR A 295 -2.01 -22.07 22.38
C THR A 295 -2.31 -20.90 21.46
N VAL A 296 -1.49 -20.76 20.43
CA VAL A 296 -1.58 -19.64 19.54
C VAL A 296 -2.99 -19.49 18.96
N ILE A 297 -3.62 -20.57 18.54
CA ILE A 297 -4.90 -20.45 17.82
C ILE A 297 -6.08 -20.08 18.74
N GLN A 298 -5.81 -20.11 20.04
CA GLN A 298 -6.79 -19.74 21.05
C GLN A 298 -6.86 -18.25 21.26
N TYR A 299 -6.04 -17.49 20.53
CA TYR A 299 -6.04 -16.03 20.63
C TYR A 299 -6.17 -15.36 19.29
N ARG A 300 -6.84 -14.21 19.30
CA ARG A 300 -6.88 -13.26 18.21
C ARG A 300 -5.48 -12.74 17.94
N GLY A 301 -5.10 -12.70 16.67
CA GLY A 301 -3.84 -12.11 16.25
C GLY A 301 -2.70 -13.10 16.14
N ALA A 302 -1.82 -12.86 15.15
CA ALA A 302 -0.66 -13.72 14.88
C ALA A 302 0.26 -13.88 16.11
N ILE A 303 0.57 -12.76 16.76
CA ILE A 303 1.46 -12.74 17.92
C ILE A 303 0.65 -12.60 19.19
N ILE A 304 0.54 -13.68 19.95
CA ILE A 304 -0.22 -13.66 21.19
C ILE A 304 0.58 -12.94 22.29
N PRO A 305 -0.08 -12.61 23.42
CA PRO A 305 0.66 -12.00 24.56
C PRO A 305 1.69 -12.94 25.23
N ARG A 306 2.86 -12.39 25.55
CA ARG A 306 3.92 -13.07 26.31
C ARG A 306 3.43 -13.94 27.45
N GLU A 307 2.45 -13.44 28.20
CA GLU A 307 1.86 -14.09 29.37
C GLU A 307 1.07 -15.34 28.97
N ALA A 308 0.45 -15.30 27.79
CA ALA A 308 -0.37 -16.41 27.32
C ALA A 308 0.43 -17.68 27.00
N PRO A 310 2.80 -21.10 26.42
CA PRO A 310 2.72 -22.43 27.07
C PRO A 310 3.37 -22.54 28.47
N SER B 4 -29.43 21.91 -18.23
CA SER B 4 -28.36 21.79 -17.15
C SER B 4 -26.94 21.66 -17.74
N LYS B 5 -25.93 22.16 -17.04
CA LYS B 5 -24.56 21.92 -17.51
C LYS B 5 -23.91 20.80 -16.73
N LYS B 6 -22.81 20.24 -17.25
CA LYS B 6 -22.13 19.13 -16.59
C LYS B 6 -20.66 19.40 -16.44
N ILE B 7 -20.15 19.12 -15.26
CA ILE B 7 -18.68 19.13 -15.01
C ILE B 7 -18.19 17.72 -14.66
N ALA B 8 -17.08 17.28 -15.27
CA ALA B 8 -16.41 16.03 -14.84
C ALA B 8 -15.10 16.39 -14.16
N VAL B 9 -14.90 15.79 -13.00
CA VAL B 9 -13.69 15.98 -12.18
C VAL B 9 -12.90 14.70 -12.32
N ILE B 10 -11.67 14.84 -12.81
CA ILE B 10 -10.83 13.69 -13.06
C ILE B 10 -9.70 13.57 -12.05
N GLY B 11 -9.60 12.42 -11.41
CA GLY B 11 -8.41 12.13 -10.63
C GLY B 11 -8.47 10.89 -9.76
N GLU B 12 -7.81 10.96 -8.60
CA GLU B 12 -7.81 9.82 -7.68
C GLU B 12 -8.33 10.14 -6.28
N CYS B 13 -9.06 9.16 -5.74
CA CYS B 13 -9.44 9.12 -4.33
C CYS B 13 -8.92 7.81 -3.74
N ILE B 15 -8.06 5.20 -0.17
CA ILE B 15 -8.45 4.76 1.16
C ILE B 15 -7.61 5.58 2.13
N GLU B 16 -8.26 6.19 3.12
CA GLU B 16 -7.54 7.04 4.06
C GLU B 16 -7.48 6.43 5.48
N LEU B 17 -6.30 6.34 6.05
CA LEU B 17 -6.17 5.94 7.45
C LEU B 17 -5.55 7.08 8.26
N SER B 18 -6.11 7.40 9.44
CA SER B 18 -5.53 8.52 10.24
C SER B 18 -5.01 8.21 11.64
N VAL B 24 -7.25 5.18 15.61
CA VAL B 24 -7.11 4.86 14.16
C VAL B 24 -8.47 4.71 13.47
N LYS B 25 -8.79 5.60 12.51
CA LYS B 25 -10.06 5.55 11.77
C LYS B 25 -9.84 5.34 10.28
N ARG B 26 -10.85 4.80 9.59
CA ARG B 26 -10.77 4.62 8.15
C ARG B 26 -11.83 5.45 7.41
N GLY B 27 -11.38 6.23 6.43
CA GLY B 27 -12.28 6.91 5.52
C GLY B 27 -11.75 6.86 4.10
N PHE B 28 -11.94 7.96 3.37
CA PHE B 28 -11.46 8.10 1.99
C PHE B 28 -11.08 9.56 1.76
N GLY B 29 -10.19 9.81 0.80
CA GLY B 29 -9.65 11.15 0.58
C GLY B 29 -8.86 11.25 -0.71
N GLY B 30 -9.03 12.36 -1.43
CA GLY B 30 -8.24 12.62 -2.62
C GLY B 30 -8.55 14.05 -2.98
N ASP B 31 -7.55 14.82 -3.41
CA ASP B 31 -7.71 16.25 -3.68
C ASP B 31 -8.90 16.54 -4.61
N THR B 32 -8.93 15.91 -5.78
CA THR B 32 -10.03 16.15 -6.72
C THR B 32 -11.39 15.65 -6.24
N LEU B 33 -11.41 14.53 -5.54
CA LEU B 33 -12.70 14.08 -4.97
C LEU B 33 -13.23 15.07 -3.93
N ASN B 34 -12.36 15.56 -3.03
CA ASN B 34 -12.77 16.64 -2.10
C ASN B 34 -13.45 17.79 -2.82
N THR B 35 -12.78 18.26 -3.87
CA THR B 35 -13.31 19.34 -4.68
C THR B 35 -14.67 19.01 -5.28
N SER B 36 -14.83 17.79 -5.81
CA SER B 36 -16.10 17.33 -6.40
C SER B 36 -17.26 17.37 -5.38
N VAL B 37 -16.97 16.94 -4.15
CA VAL B 37 -17.97 16.90 -3.07
C VAL B 37 -18.43 18.31 -2.68
N TYR B 38 -17.47 19.21 -2.47
CA TYR B 38 -17.81 20.60 -2.15
C TYR B 38 -18.56 21.29 -3.29
N ILE B 39 -18.23 21.01 -4.55
CA ILE B 39 -19.07 21.55 -5.64
C ILE B 39 -20.54 21.03 -5.55
N ALA B 40 -20.65 19.72 -5.41
CA ALA B 40 -21.98 19.07 -5.39
C ALA B 40 -22.83 19.57 -4.21
N ARG B 41 -22.17 19.89 -3.11
CA ARG B 41 -22.85 20.37 -1.90
C ARG B 41 -23.38 21.75 -2.08
N GLN B 42 -22.83 22.48 -3.05
CA GLN B 42 -23.19 23.89 -3.21
C GLN B 42 -24.01 24.27 -4.41
N VAL B 43 -24.15 23.39 -5.40
CA VAL B 43 -24.85 23.81 -6.61
C VAL B 43 -26.25 23.17 -6.70
N ASP B 44 -27.13 23.85 -7.42
CA ASP B 44 -28.41 23.30 -7.85
C ASP B 44 -28.16 22.29 -8.95
N PRO B 45 -28.51 21.02 -8.75
CA PRO B 45 -28.21 20.08 -9.84
C PRO B 45 -28.97 20.36 -11.15
N ALA B 46 -30.03 21.17 -11.10
CA ALA B 46 -30.68 21.62 -12.34
C ALA B 46 -29.73 22.57 -13.10
N ALA B 47 -28.80 23.23 -12.40
CA ALA B 47 -27.85 24.12 -13.09
C ALA B 47 -26.55 23.39 -13.46
N LEU B 48 -26.08 22.51 -12.59
CA LEU B 48 -24.79 21.84 -12.83
C LEU B 48 -24.71 20.51 -12.09
N THR B 49 -24.44 19.45 -12.85
CA THR B 49 -24.20 18.15 -12.25
C THR B 49 -22.70 17.87 -12.21
N VAL B 50 -22.31 17.17 -11.16
CA VAL B 50 -20.93 16.82 -10.87
C VAL B 50 -20.69 15.33 -11.08
N HIS B 51 -19.71 15.02 -11.93
CA HIS B 51 -19.32 13.65 -12.25
C HIS B 51 -17.89 13.42 -11.81
N TYR B 52 -17.64 12.41 -10.99
CA TYR B 52 -16.26 11.98 -10.72
C TYR B 52 -15.82 10.86 -11.67
N VAL B 53 -14.64 11.06 -12.25
CA VAL B 53 -14.06 10.18 -13.25
C VAL B 53 -12.73 9.62 -12.71
N THR B 54 -12.73 8.32 -12.40
CA THR B 54 -11.56 7.67 -11.85
C THR B 54 -11.68 6.17 -12.15
N ALA B 55 -10.83 5.39 -11.52
CA ALA B 55 -11.04 3.95 -11.50
C ALA B 55 -10.85 3.45 -10.09
N LEU B 56 -11.57 2.38 -9.78
CA LEU B 56 -11.53 1.73 -8.47
C LEU B 56 -11.44 0.23 -8.72
N GLY B 57 -11.41 -0.56 -7.66
CA GLY B 57 -11.54 -2.00 -7.81
C GLY B 57 -12.96 -2.45 -7.58
N THR B 58 -13.19 -3.77 -7.62
CA THR B 58 -14.54 -4.32 -7.40
C THR B 58 -14.68 -4.78 -5.96
N ASP B 59 -13.74 -4.32 -5.12
CA ASP B 59 -13.71 -4.65 -3.71
C ASP B 59 -14.69 -3.79 -2.91
N SER B 60 -14.74 -4.05 -1.60
CA SER B 60 -15.76 -3.43 -0.78
C SER B 60 -15.38 -2.02 -0.30
N PHE B 61 -14.07 -1.73 -0.20
CA PHE B 61 -13.58 -0.35 0.03
C PHE B 61 -14.02 0.58 -1.10
N SER B 62 -13.88 0.09 -2.34
CA SER B 62 -14.32 0.81 -3.54
C SER B 62 -15.82 1.04 -3.51
N GLN B 63 -16.56 0.01 -3.11
CA GLN B 63 -17.99 0.12 -2.96
C GLN B 63 -18.39 1.20 -1.95
N GLN B 64 -17.74 1.18 -0.78
CA GLN B 64 -18.11 2.07 0.33
C GLN B 64 -17.89 3.53 -0.15
N LEU B 66 -17.93 4.58 -3.51
CA LEU B 66 -18.98 4.89 -4.49
C LEU B 66 -20.31 5.26 -3.80
N ASP B 67 -20.65 4.47 -2.78
CA ASP B 67 -21.87 4.72 -1.99
C ASP B 67 -21.86 6.10 -1.35
N ALA B 68 -20.80 6.44 -0.64
CA ALA B 68 -20.72 7.75 -0.02
C ALA B 68 -20.78 8.87 -1.05
N TRP B 69 -20.21 8.64 -2.24
CA TRP B 69 -20.19 9.70 -3.25
C TRP B 69 -21.57 9.92 -3.78
N HIS B 70 -22.32 8.83 -3.96
CA HIS B 70 -23.69 8.96 -4.45
C HIS B 70 -24.54 9.71 -3.43
N GLY B 71 -24.20 9.53 -2.15
CA GLY B 71 -24.86 10.22 -1.07
C GLY B 71 -24.58 11.72 -1.13
N GLU B 72 -23.51 12.09 -1.85
CA GLU B 72 -23.12 13.50 -1.96
C GLU B 72 -23.60 14.02 -3.31
N ASN B 73 -24.42 13.20 -4.00
CA ASN B 73 -24.96 13.57 -5.31
C ASN B 73 -23.88 13.78 -6.34
N VAL B 74 -22.80 13.02 -6.21
CA VAL B 74 -21.77 12.92 -7.22
C VAL B 74 -22.00 11.68 -8.11
N ASP B 75 -22.12 11.92 -9.41
CA ASP B 75 -22.43 10.94 -10.42
C ASP B 75 -21.13 10.18 -10.68
N THR B 76 -21.16 8.85 -10.53
CA THR B 76 -19.99 8.00 -10.78
C THR B 76 -20.16 7.12 -12.02
N SER B 77 -21.11 7.46 -12.89
CA SER B 77 -21.37 6.60 -14.05
C SER B 77 -20.19 6.54 -15.06
N LEU B 78 -19.17 7.37 -14.87
CA LEU B 78 -18.04 7.31 -15.78
C LEU B 78 -16.78 6.81 -15.08
N THR B 79 -16.94 6.33 -13.85
CA THR B 79 -15.85 5.74 -13.12
C THR B 79 -15.86 4.23 -13.43
N GLN B 80 -14.68 3.64 -13.63
CA GLN B 80 -14.57 2.22 -13.93
C GLN B 80 -14.20 1.41 -12.69
N ARG B 81 -14.68 0.16 -12.65
CA ARG B 81 -14.29 -0.79 -11.63
C ARG B 81 -13.37 -1.87 -12.25
N GLU B 83 -11.56 -5.40 -11.74
CA GLU B 83 -11.47 -6.61 -10.93
C GLU B 83 -10.10 -6.88 -10.26
N ASN B 84 -9.00 -6.66 -10.97
CA ASN B 84 -7.72 -7.06 -10.38
C ASN B 84 -6.86 -5.91 -9.85
N ARG B 85 -7.55 -4.87 -9.40
CA ARG B 85 -6.91 -3.69 -8.80
C ARG B 85 -7.64 -3.33 -7.51
N LEU B 86 -6.92 -2.69 -6.61
CA LEU B 86 -7.51 -2.09 -5.42
C LEU B 86 -7.38 -0.56 -5.52
N PRO B 87 -8.06 0.21 -4.63
CA PRO B 87 -7.70 1.63 -4.59
C PRO B 87 -6.30 1.80 -4.05
N GLY B 88 -5.72 2.99 -4.20
CA GLY B 88 -4.48 3.33 -3.48
C GLY B 88 -4.84 3.59 -2.04
N LEU B 89 -3.85 3.62 -1.15
CA LEU B 89 -4.12 3.81 0.28
C LEU B 89 -3.10 4.77 0.85
N TYR B 90 -3.54 5.64 1.75
CA TYR B 90 -2.61 6.55 2.41
C TYR B 90 -2.89 6.60 3.91
N TYR B 91 -1.89 6.98 4.67
CA TYR B 91 -2.00 6.93 6.12
C TYR B 91 -1.56 8.27 6.67
N ILE B 92 -2.38 8.88 7.53
CA ILE B 92 -1.99 10.16 8.17
C ILE B 92 -1.58 9.92 9.64
N GLU B 93 -0.34 10.30 10.00
CA GLU B 93 0.21 10.18 11.38
C GLU B 93 -0.70 10.71 12.52
N THR B 101 2.47 13.96 8.94
CA THR B 101 3.16 13.07 8.00
C THR B 101 2.20 12.15 7.20
N PHE B 102 2.38 12.16 5.89
CA PHE B 102 1.66 11.29 4.97
C PHE B 102 2.54 10.15 4.46
N TYR B 103 1.93 8.98 4.37
CA TYR B 103 2.59 7.77 3.84
C TYR B 103 1.66 7.18 2.78
N TYR B 104 2.21 6.78 1.64
CA TYR B 104 1.39 6.39 0.53
C TYR B 104 1.71 4.94 0.09
N TRP B 105 0.64 4.20 -0.20
CA TRP B 105 0.71 2.90 -0.90
C TRP B 105 -0.17 3.06 -2.12
N ARG B 106 0.29 3.86 -3.09
CA ARG B 106 -0.64 4.26 -4.18
C ARG B 106 -0.15 3.92 -5.59
N ASN B 107 1.02 3.30 -5.71
CA ASN B 107 1.67 3.13 -7.04
C ASN B 107 1.06 2.01 -7.93
N GLU B 108 0.06 1.31 -7.41
CA GLU B 108 -0.68 0.34 -8.19
C GLU B 108 -2.17 0.63 -8.20
N ALA B 109 -2.54 1.82 -7.73
CA ALA B 109 -3.95 2.16 -7.75
C ALA B 109 -4.62 1.95 -9.12
N ALA B 110 -5.83 1.41 -9.09
CA ALA B 110 -6.74 1.40 -10.25
C ALA B 110 -6.81 2.77 -10.93
N ALA B 111 -6.84 3.84 -10.13
CA ALA B 111 -6.94 5.19 -10.68
C ALA B 111 -5.87 5.56 -11.70
N LYS B 112 -4.69 4.97 -11.62
CA LYS B 112 -3.58 5.27 -12.55
C LYS B 112 -3.89 4.80 -13.99
N PHE B 113 -4.84 3.88 -14.11
CA PHE B 113 -5.03 3.14 -15.35
C PHE B 113 -6.32 3.41 -16.11
N TRP B 114 -7.04 4.50 -15.75
CA TRP B 114 -8.38 4.71 -16.30
C TRP B 114 -8.38 5.00 -17.80
N LEU B 115 -7.23 5.44 -18.31
CA LEU B 115 -7.08 5.80 -19.74
C LEU B 115 -6.44 4.65 -20.57
N ALA B 116 -6.18 3.53 -19.90
CA ALA B 116 -5.50 2.39 -20.53
C ALA B 116 -6.33 1.12 -20.46
N SER B 117 -7.64 1.23 -20.52
CA SER B 117 -8.52 0.05 -20.58
C SER B 117 -9.36 0.05 -21.85
N GLU B 118 -10.13 -1.02 -22.04
CA GLU B 118 -11.01 -1.18 -23.20
C GLU B 118 -12.20 -0.21 -23.17
N GLN B 119 -12.50 0.35 -22.00
CA GLN B 119 -13.62 1.29 -21.82
C GLN B 119 -13.17 2.76 -21.98
N SER B 120 -11.86 3.03 -21.83
CA SER B 120 -11.30 4.39 -21.95
C SER B 120 -11.84 5.17 -23.14
N ALA B 121 -11.86 4.54 -24.32
CA ALA B 121 -12.33 5.20 -25.53
C ALA B 121 -13.74 5.72 -25.43
N ALA B 122 -14.70 4.90 -25.02
CA ALA B 122 -16.10 5.35 -24.95
C ALA B 122 -16.26 6.45 -23.89
N ILE B 123 -15.52 6.33 -22.79
CA ILE B 123 -15.57 7.33 -21.73
C ILE B 123 -15.06 8.68 -22.25
N CYS B 124 -13.97 8.67 -22.97
CA CYS B 124 -13.42 9.88 -23.57
C CYS B 124 -14.30 10.52 -24.61
N GLU B 125 -14.98 9.71 -25.43
CA GLU B 125 -15.99 10.27 -26.33
C GLU B 125 -17.16 10.94 -25.56
N GLU B 126 -17.58 10.38 -24.43
CA GLU B 126 -18.57 11.04 -23.58
C GLU B 126 -18.04 12.36 -22.96
N LEU B 127 -16.81 12.31 -22.46
CA LEU B 127 -16.21 13.51 -21.83
C LEU B 127 -15.93 14.64 -22.80
N ALA B 128 -15.62 14.34 -24.07
CA ALA B 128 -15.39 15.41 -25.06
C ALA B 128 -16.60 16.37 -25.19
N ASN B 129 -17.79 15.86 -24.85
CA ASN B 129 -19.04 16.60 -24.96
C ASN B 129 -19.45 17.30 -23.68
N PHE B 130 -18.59 17.21 -22.66
CA PHE B 130 -18.90 17.84 -21.35
C PHE B 130 -18.71 19.36 -21.43
N ASP B 131 -19.41 20.08 -20.57
CA ASP B 131 -19.28 21.52 -20.59
C ASP B 131 -17.97 21.91 -19.91
N TYR B 132 -17.65 21.20 -18.84
CA TYR B 132 -16.37 21.45 -18.08
C TYR B 132 -15.63 20.18 -17.74
N LEU B 133 -14.28 20.20 -17.87
CA LEU B 133 -13.39 19.13 -17.39
C LEU B 133 -12.39 19.74 -16.40
N TYR B 134 -12.25 19.13 -15.22
CA TYR B 134 -11.38 19.67 -14.18
C TYR B 134 -10.39 18.61 -13.71
N LEU B 135 -9.13 19.00 -13.48
CA LEU B 135 -8.20 18.02 -12.96
C LEU B 135 -7.06 18.77 -12.22
N SER B 136 -6.27 18.06 -11.44
CA SER B 136 -5.17 18.69 -10.70
C SER B 136 -3.83 18.17 -11.18
N GLY B 137 -2.75 18.77 -10.68
CA GLY B 137 -1.39 18.30 -10.88
C GLY B 137 -1.24 16.86 -10.46
N ILE B 138 -1.95 16.45 -9.39
CA ILE B 138 -1.95 15.05 -8.96
C ILE B 138 -2.57 14.12 -10.01
N SER B 139 -3.69 14.53 -10.57
CA SER B 139 -4.35 13.76 -11.64
C SER B 139 -3.39 13.44 -12.81
N LEU B 140 -2.48 14.36 -13.10
CA LEU B 140 -1.49 14.14 -14.19
C LEU B 140 -0.36 13.23 -13.72
N ALA B 141 0.15 13.54 -12.52
CA ALA B 141 1.27 12.80 -11.91
C ALA B 141 1.09 11.29 -11.93
N ILE B 142 -0.13 10.82 -11.69
CA ILE B 142 -0.35 9.41 -11.44
C ILE B 142 -0.44 8.60 -12.76
N LEU B 143 -0.59 9.34 -13.87
CA LEU B 143 -0.69 8.72 -15.21
C LEU B 143 0.68 8.46 -15.83
N SER B 144 0.79 7.39 -16.64
CA SER B 144 1.99 7.19 -17.47
C SER B 144 2.17 8.31 -18.53
N PRO B 145 3.40 8.47 -19.07
CA PRO B 145 3.53 9.45 -20.15
C PRO B 145 2.49 9.25 -21.28
N THR B 146 2.19 8.00 -21.66
CA THR B 146 1.22 7.76 -22.72
C THR B 146 -0.20 8.12 -22.31
N SER B 147 -0.58 7.76 -21.09
CA SER B 147 -1.90 8.17 -20.58
C SER B 147 -2.00 9.67 -20.47
N ARG B 148 -0.93 10.35 -20.07
CA ARG B 148 -0.96 11.80 -20.06
C ARG B 148 -1.21 12.40 -21.44
N GLU B 149 -0.59 11.82 -22.47
CA GLU B 149 -0.88 12.24 -23.84
C GLU B 149 -2.33 12.05 -24.21
N LYS B 150 -2.92 10.91 -23.84
CA LYS B 150 -4.32 10.67 -24.22
C LYS B 150 -5.20 11.69 -23.50
N LEU B 151 -4.87 11.95 -22.23
CA LEU B 151 -5.69 12.90 -21.49
C LEU B 151 -5.59 14.29 -22.14
N LEU B 152 -4.37 14.72 -22.50
CA LEU B 152 -4.18 16.04 -23.13
C LEU B 152 -4.99 16.14 -24.45
N SER B 153 -4.97 15.07 -25.23
CA SER B 153 -5.80 15.04 -26.46
C SER B 153 -7.28 15.13 -26.15
N LEU B 154 -7.77 14.44 -25.10
CA LEU B 154 -9.17 14.60 -24.72
C LEU B 154 -9.47 16.06 -24.40
N LEU B 155 -8.60 16.69 -23.63
CA LEU B 155 -8.82 18.07 -23.27
C LEU B 155 -8.95 18.95 -24.52
N ARG B 156 -8.03 18.77 -25.49
CA ARG B 156 -8.08 19.55 -26.74
C ARG B 156 -9.38 19.36 -27.52
N GLU B 157 -9.82 18.12 -27.59
CA GLU B 157 -11.09 17.80 -28.26
C GLU B 157 -12.28 18.42 -27.55
N CYS B 158 -12.24 18.43 -26.20
CA CYS B 158 -13.35 19.01 -25.45
C CYS B 158 -13.44 20.51 -25.75
N ARG B 159 -12.27 21.18 -25.72
CA ARG B 159 -12.22 22.60 -25.94
C ARG B 159 -12.65 22.94 -27.38
N ALA B 160 -12.27 22.09 -28.34
CA ALA B 160 -12.66 22.28 -29.76
C ALA B 160 -14.16 22.22 -29.95
N LYS B 161 -14.84 21.54 -29.05
CA LYS B 161 -16.27 21.45 -29.09
C LYS B 161 -16.97 22.46 -28.23
N GLY B 162 -16.23 23.43 -27.69
CA GLY B 162 -16.82 24.51 -26.88
C GLY B 162 -16.75 24.25 -25.35
N GLY B 163 -16.21 23.09 -24.95
CA GLY B 163 -16.02 22.79 -23.49
C GLY B 163 -14.90 23.65 -22.89
N LYS B 164 -14.85 23.76 -21.56
CA LYS B 164 -13.77 24.53 -20.87
C LYS B 164 -12.98 23.63 -19.96
N VAL B 165 -11.67 23.84 -19.87
CA VAL B 165 -10.80 22.98 -19.12
C VAL B 165 -10.26 23.79 -17.92
N ILE B 166 -10.38 23.22 -16.72
CA ILE B 166 -9.94 23.91 -15.49
C ILE B 166 -8.80 23.06 -14.86
N PHE B 167 -7.71 23.70 -14.45
CA PHE B 167 -6.59 22.95 -13.88
C PHE B 167 -6.31 23.51 -12.50
N ASP B 168 -6.13 22.63 -11.53
CA ASP B 168 -5.56 23.03 -10.22
C ASP B 168 -4.12 22.54 -10.16
N ASN B 169 -3.16 23.43 -9.90
CA ASN B 169 -1.71 23.14 -9.95
C ASN B 169 -1.18 22.30 -8.77
N ASN B 170 -2.07 21.85 -7.87
CA ASN B 170 -1.70 21.03 -6.66
C ASN B 170 -0.43 20.21 -6.91
N TYR B 171 0.70 20.62 -6.30
CA TYR B 171 2.02 20.08 -6.64
C TYR B 171 2.58 19.14 -5.56
N ARG B 172 2.80 17.86 -5.92
N ARG B 172 2.80 17.86 -5.92
CA ARG B 172 3.36 16.88 -5.02
CA ARG B 172 3.37 16.89 -5.02
C ARG B 172 4.62 16.31 -5.69
C ARG B 172 4.62 16.31 -5.69
N PRO B 173 5.80 16.92 -5.44
CA PRO B 173 7.07 16.49 -6.09
C PRO B 173 7.35 14.96 -6.00
N ARG B 174 6.95 14.33 -4.88
CA ARG B 174 7.25 12.91 -4.65
C ARG B 174 6.59 12.05 -5.71
N LEU B 175 5.52 12.55 -6.36
CA LEU B 175 4.81 11.79 -7.40
C LEU B 175 5.38 11.87 -8.78
N TRP B 176 6.42 12.67 -8.95
CA TRP B 176 7.00 12.88 -10.26
C TRP B 176 8.43 12.37 -10.23
N ALA B 177 8.97 12.05 -11.40
CA ALA B 177 10.35 11.55 -11.51
C ALA B 177 11.35 12.67 -11.30
N SER B 178 11.01 13.89 -11.71
CA SER B 178 11.89 15.03 -11.49
C SER B 178 11.12 16.35 -11.66
N LYS B 179 11.72 17.44 -11.18
CA LYS B 179 11.19 18.78 -11.39
C LYS B 179 11.01 19.14 -12.88
N GLU B 180 12.00 18.78 -13.71
CA GLU B 180 11.90 18.97 -15.15
C GLU B 180 10.70 18.26 -15.82
N GLU B 181 10.40 17.03 -15.39
CA GLU B 181 9.23 16.28 -15.88
C GLU B 181 7.91 17.01 -15.55
N THR B 182 7.76 17.43 -14.29
CA THR B 182 6.57 18.22 -13.87
C THR B 182 6.44 19.50 -14.71
N GLN B 183 7.53 20.26 -14.84
CA GLN B 183 7.51 21.49 -15.63
C GLN B 183 7.03 21.25 -17.05
N GLN B 184 7.57 20.23 -17.72
CA GLN B 184 7.18 19.94 -19.10
C GLN B 184 5.71 19.57 -19.19
N VAL B 185 5.26 18.77 -18.25
CA VAL B 185 3.86 18.32 -18.27
C VAL B 185 2.90 19.47 -17.90
N TYR B 186 3.26 20.28 -16.90
CA TYR B 186 2.44 21.46 -16.55
C TYR B 186 2.36 22.44 -17.70
N GLN B 187 3.48 22.66 -18.39
CA GLN B 187 3.49 23.51 -19.59
C GLN B 187 2.51 23.02 -20.65
N GLN B 188 2.48 21.71 -20.97
CA GLN B 188 1.53 21.18 -21.96
C GLN B 188 0.08 21.38 -21.45
N LEU B 190 -1.10 23.70 -19.35
CA LEU B 190 -1.51 25.12 -19.32
C LEU B 190 -1.84 25.58 -20.72
N GLU B 191 -1.25 24.94 -21.72
CA GLU B 191 -1.61 25.24 -23.11
C GLU B 191 -2.95 24.66 -23.54
N CYS B 192 -3.59 23.86 -22.66
CA CYS B 192 -4.92 23.21 -22.87
C CYS B 192 -5.93 23.69 -21.81
N THR B 193 -5.66 24.82 -21.13
CA THR B 193 -6.43 25.18 -19.94
C THR B 193 -7.17 26.53 -20.12
N ASP B 194 -8.41 26.60 -19.67
CA ASP B 194 -9.17 27.85 -19.68
C ASP B 194 -9.18 28.58 -18.36
N ILE B 195 -9.18 27.84 -17.29
CA ILE B 195 -9.15 28.48 -15.96
C ILE B 195 -8.08 27.71 -15.15
N ALA B 196 -7.08 28.43 -14.64
CA ALA B 196 -6.07 27.79 -13.81
C ALA B 196 -6.14 28.26 -12.36
N PHE B 197 -6.23 27.30 -11.43
CA PHE B 197 -6.10 27.60 -10.01
C PHE B 197 -4.63 27.36 -9.70
N LEU B 198 -3.94 28.42 -9.30
CA LEU B 198 -2.52 28.24 -8.93
C LEU B 198 -2.36 28.60 -7.43
N THR B 199 -2.10 27.60 -6.61
CA THR B 199 -1.52 27.84 -5.24
C THR B 199 -0.13 28.43 -5.41
N LEU B 200 0.06 29.62 -4.86
CA LEU B 200 1.32 30.34 -5.12
C LEU B 200 2.52 29.58 -4.56
N ASP B 201 2.41 29.00 -3.37
CA ASP B 201 3.53 28.24 -2.80
C ASP B 201 3.96 27.12 -3.74
N ASP B 202 2.96 26.46 -4.36
CA ASP B 202 3.25 25.43 -5.34
C ASP B 202 3.95 26.00 -6.57
N GLU B 203 3.60 27.19 -7.03
CA GLU B 203 4.31 27.77 -8.17
C GLU B 203 5.77 28.10 -7.75
N ASP B 204 5.90 28.65 -6.55
CA ASP B 204 7.27 28.88 -5.93
C ASP B 204 8.14 27.61 -5.95
N ALA B 205 7.58 26.53 -5.41
CA ALA B 205 8.26 25.23 -5.32
C ALA B 205 8.65 24.68 -6.70
N LEU B 206 7.71 24.74 -7.64
CA LEU B 206 7.93 24.18 -8.96
C LEU B 206 8.82 25.02 -9.88
N TRP B 207 8.54 26.32 -9.97
CA TRP B 207 9.22 27.14 -10.94
C TRP B 207 10.29 28.04 -10.33
N GLY B 208 10.44 28.00 -9.00
CA GLY B 208 11.33 28.95 -8.33
C GLY B 208 10.51 30.16 -7.93
N GLN B 209 10.97 30.88 -6.93
CA GLN B 209 10.19 31.99 -6.39
C GLN B 209 10.24 33.18 -7.35
N GLN B 210 9.05 33.72 -7.68
CA GLN B 210 8.92 34.77 -8.72
C GLN B 210 7.76 35.67 -8.28
N PRO B 211 7.79 36.96 -8.67
CA PRO B 211 6.71 37.87 -8.31
C PRO B 211 5.36 37.31 -8.85
N VAL B 212 4.27 37.55 -8.15
CA VAL B 212 2.95 37.03 -8.59
C VAL B 212 2.55 37.54 -9.98
N GLU B 213 2.98 38.76 -10.29
CA GLU B 213 2.72 39.31 -11.60
C GLU B 213 3.33 38.45 -12.73
N ASP B 214 4.51 37.90 -12.51
CA ASP B 214 5.15 37.02 -13.50
C ASP B 214 4.53 35.63 -13.55
N VAL B 215 4.06 35.14 -12.40
CA VAL B 215 3.33 33.89 -12.36
C VAL B 215 2.07 34.06 -13.21
N ILE B 216 1.35 35.16 -13.01
CA ILE B 216 0.13 35.42 -13.77
C ILE B 216 0.43 35.58 -15.28
N ALA B 217 1.43 36.40 -15.59
CA ALA B 217 1.81 36.71 -16.97
C ALA B 217 2.17 35.45 -17.71
N ARG B 218 2.99 34.60 -17.11
CA ARG B 218 3.45 33.44 -17.88
C ARG B 218 2.27 32.47 -18.10
N THR B 219 1.31 32.50 -17.20
CA THR B 219 0.20 31.59 -17.31
C THR B 219 -0.74 32.07 -18.40
N HIS B 220 -1.00 33.38 -18.48
CA HIS B 220 -1.72 33.97 -19.63
C HIS B 220 -0.96 33.69 -20.95
N ASN B 221 0.37 33.79 -20.90
CA ASN B 221 1.17 33.54 -22.11
C ASN B 221 1.02 32.11 -22.65
N ALA B 222 0.79 31.13 -21.76
CA ALA B 222 0.50 29.75 -22.15
C ALA B 222 -0.84 29.60 -22.88
N GLY B 223 -1.71 30.60 -22.74
CA GLY B 223 -3.01 30.67 -23.41
C GLY B 223 -4.21 30.73 -22.43
N VAL B 224 -3.91 30.64 -21.12
CA VAL B 224 -4.98 30.53 -20.11
C VAL B 224 -5.72 31.85 -19.97
N LYS B 225 -7.04 31.87 -20.13
CA LYS B 225 -7.74 33.15 -20.02
C LYS B 225 -7.90 33.63 -18.57
N GLU B 226 -8.19 32.73 -17.64
CA GLU B 226 -8.57 33.17 -16.27
C GLU B 226 -7.62 32.51 -15.30
N VAL B 227 -6.85 33.32 -14.59
CA VAL B 227 -5.81 32.76 -13.69
C VAL B 227 -6.24 33.17 -12.28
N VAL B 228 -6.40 32.20 -11.41
CA VAL B 228 -6.91 32.39 -10.03
C VAL B 228 -5.75 31.96 -9.13
N VAL B 229 -5.22 32.94 -8.37
CA VAL B 229 -4.03 32.65 -7.57
C VAL B 229 -4.44 32.58 -6.09
N LYS B 230 -4.20 31.41 -5.46
CA LYS B 230 -4.61 31.17 -4.09
C LYS B 230 -3.35 31.38 -3.25
N ARG B 231 -3.48 32.14 -2.17
CA ARG B 231 -2.28 32.60 -1.47
C ARG B 231 -2.42 32.38 0.03
N GLY B 232 -3.06 31.28 0.39
CA GLY B 232 -3.31 30.93 1.80
C GLY B 232 -4.13 31.96 2.54
N ALA B 233 -3.49 32.65 3.50
CA ALA B 233 -4.14 33.70 4.29
C ALA B 233 -4.06 35.05 3.60
N ASP B 234 -3.18 35.19 2.61
CA ASP B 234 -3.15 36.38 1.76
C ASP B 234 -4.32 36.33 0.76
N SER B 235 -4.61 37.45 0.13
CA SER B 235 -5.83 37.57 -0.66
C SER B 235 -5.75 36.76 -1.96
N CYS B 236 -6.92 36.36 -2.48
CA CYS B 236 -6.99 35.73 -3.83
C CYS B 236 -6.89 36.77 -4.96
N LEU B 237 -6.04 36.52 -5.94
CA LEU B 237 -5.99 37.39 -7.11
C LEU B 237 -6.63 36.64 -8.31
N VAL B 238 -7.59 37.28 -8.96
CA VAL B 238 -8.12 36.75 -10.21
C VAL B 238 -7.68 37.66 -11.37
N SER B 239 -6.98 37.07 -12.33
CA SER B 239 -6.61 37.81 -13.53
C SER B 239 -7.27 37.26 -14.79
N ILE B 240 -8.13 38.06 -15.42
CA ILE B 240 -8.78 37.69 -16.70
C ILE B 240 -8.06 38.49 -17.77
N ALA B 241 -7.58 37.79 -18.80
CA ALA B 241 -6.76 38.36 -19.86
C ALA B 241 -7.50 39.60 -20.39
N GLY B 242 -6.81 40.73 -20.39
CA GLY B 242 -7.35 41.98 -20.91
C GLY B 242 -8.19 42.75 -19.92
N GLU B 243 -8.26 42.30 -18.66
CA GLU B 243 -9.04 42.99 -17.64
C GLU B 243 -8.17 43.35 -16.44
N ALA B 244 -8.59 44.32 -15.65
CA ALA B 244 -7.85 44.67 -14.45
C ALA B 244 -7.90 43.52 -13.47
N LEU B 245 -6.88 43.45 -12.63
CA LEU B 245 -6.81 42.45 -11.57
C LEU B 245 -7.95 42.55 -10.56
N VAL B 246 -8.51 41.40 -10.19
CA VAL B 246 -9.47 41.31 -9.10
C VAL B 246 -8.74 40.80 -7.82
N ASP B 247 -8.90 41.51 -6.71
CA ASP B 247 -8.14 41.21 -5.49
C ASP B 247 -9.11 41.05 -4.33
N VAL B 248 -9.28 39.82 -3.83
CA VAL B 248 -10.32 39.57 -2.84
C VAL B 248 -9.76 38.98 -1.55
N PRO B 249 -9.92 39.71 -0.42
CA PRO B 249 -9.31 39.24 0.81
C PRO B 249 -10.11 38.11 1.38
N ALA B 250 -9.37 37.29 2.10
CA ALA B 250 -9.86 36.18 2.85
C ALA B 250 -10.61 36.58 4.14
N VAL B 251 -11.23 35.57 4.72
CA VAL B 251 -12.19 35.67 5.80
C VAL B 251 -11.54 35.54 7.19
N LYS B 252 -10.73 36.50 7.66
CA LYS B 252 -9.90 36.25 8.84
C LYS B 252 -10.62 35.59 10.06
N LEU B 253 -10.23 34.39 10.46
CA LEU B 253 -10.77 33.74 11.68
C LEU B 253 -9.82 33.86 12.88
N PRO B 254 -10.37 33.87 14.11
CA PRO B 254 -9.36 33.81 15.20
C PRO B 254 -8.71 32.41 15.25
N LYS B 255 -7.45 32.38 15.66
CA LYS B 255 -6.59 31.19 15.61
C LYS B 255 -7.22 29.90 16.18
N GLU B 256 -7.90 30.04 17.33
CA GLU B 256 -8.52 28.92 18.03
C GLU B 256 -9.60 28.17 17.23
N LYS B 257 -10.19 28.81 16.22
CA LYS B 257 -11.20 28.18 15.36
C LYS B 257 -10.60 27.32 14.23
N VAL B 258 -9.33 27.57 13.92
CA VAL B 258 -8.59 26.79 12.92
C VAL B 258 -8.07 25.47 13.49
N ILE B 259 -8.69 24.36 13.10
CA ILE B 259 -8.29 23.07 13.69
C ILE B 259 -7.50 22.18 12.72
N ASP B 260 -7.81 22.27 11.43
CA ASP B 260 -7.19 21.41 10.42
C ASP B 260 -7.16 22.13 9.06
N THR B 261 -5.98 22.51 8.57
CA THR B 261 -5.87 23.19 7.26
C THR B 261 -5.93 22.24 6.03
N THR B 262 -6.11 20.95 6.27
CA THR B 262 -6.24 20.03 5.14
C THR B 262 -7.49 20.40 4.33
N ALA B 263 -7.32 20.30 3.01
CA ALA B 263 -8.37 20.55 2.02
C ALA B 263 -8.78 22.01 1.88
N ALA B 264 -8.03 22.93 2.49
CA ALA B 264 -8.40 24.33 2.41
C ALA B 264 -8.41 24.67 0.90
N GLY B 265 -7.30 24.37 0.24
CA GLY B 265 -7.10 24.70 -1.19
C GLY B 265 -8.14 24.00 -2.08
N ASP B 266 -8.33 22.70 -1.86
CA ASP B 266 -9.30 21.95 -2.69
C ASP B 266 -10.74 22.46 -2.53
N SER B 267 -11.08 22.88 -1.31
CA SER B 267 -12.46 23.35 -1.10
C SER B 267 -12.63 24.80 -1.63
N PHE B 268 -11.56 25.59 -1.62
CA PHE B 268 -11.58 26.91 -2.25
C PHE B 268 -11.88 26.76 -3.73
N SER B 269 -11.18 25.87 -4.42
CA SER B 269 -11.47 25.66 -5.88
C SER B 269 -12.90 25.27 -6.07
N ALA B 270 -13.41 24.43 -5.19
CA ALA B 270 -14.82 24.04 -5.27
C ALA B 270 -15.78 25.21 -5.14
N GLY B 271 -15.65 26.00 -4.06
CA GLY B 271 -16.51 27.20 -3.86
C GLY B 271 -16.44 28.17 -5.03
N TYR B 272 -15.22 28.38 -5.53
CA TYR B 272 -15.04 29.30 -6.65
C TYR B 272 -15.84 28.82 -7.86
N LEU B 273 -15.67 27.56 -8.24
CA LEU B 273 -16.46 27.04 -9.37
C LEU B 273 -17.96 26.96 -9.10
N ALA B 274 -18.39 26.65 -7.86
CA ALA B 274 -19.85 26.60 -7.61
C ALA B 274 -20.52 27.88 -8.04
N VAL B 275 -19.84 28.99 -7.79
CA VAL B 275 -20.34 30.30 -8.25
C VAL B 275 -19.97 30.61 -9.70
N ARG B 276 -18.71 30.41 -10.07
CA ARG B 276 -18.26 30.87 -11.37
C ARG B 276 -18.98 30.11 -12.51
N LEU B 277 -19.29 28.84 -12.27
CA LEU B 277 -19.84 28.00 -13.35
C LEU B 277 -21.35 28.08 -13.39
N THR B 278 -21.94 28.87 -12.47
CA THR B 278 -23.39 29.10 -12.45
C THR B 278 -23.69 30.58 -12.62
N GLY B 279 -22.75 31.33 -13.21
CA GLY B 279 -23.05 32.67 -13.72
C GLY B 279 -22.52 33.82 -12.90
N GLY B 280 -21.79 33.50 -11.82
CA GLY B 280 -21.39 34.54 -10.89
C GLY B 280 -20.10 35.20 -11.32
N SER B 281 -19.89 36.40 -10.83
CA SER B 281 -18.67 37.18 -11.11
C SER B 281 -17.42 36.49 -10.49
N ALA B 282 -16.22 36.86 -10.99
CA ALA B 282 -14.95 36.39 -10.47
C ALA B 282 -14.82 36.85 -9.00
N GLU B 283 -15.21 38.10 -8.69
CA GLU B 283 -15.20 38.57 -7.27
C GLU B 283 -16.10 37.71 -6.38
N ASN B 284 -17.33 37.43 -6.83
CA ASN B 284 -18.17 36.56 -5.98
C ASN B 284 -17.70 35.09 -5.86
N ALA B 285 -17.05 34.62 -6.91
CA ALA B 285 -16.52 33.29 -6.91
C ALA B 285 -15.37 33.19 -5.88
N ALA B 286 -14.48 34.18 -5.87
CA ALA B 286 -13.41 34.25 -4.88
C ALA B 286 -14.00 34.31 -3.45
N LYS B 287 -15.02 35.14 -3.23
CA LYS B 287 -15.68 35.26 -1.92
C LYS B 287 -16.16 33.89 -1.48
N ARG B 288 -16.82 33.16 -2.37
CA ARG B 288 -17.29 31.83 -2.04
C ARG B 288 -16.15 30.86 -1.77
N GLY B 289 -15.06 30.91 -2.55
CA GLY B 289 -13.92 30.04 -2.27
C GLY B 289 -13.41 30.30 -0.87
N HIS B 290 -13.28 31.58 -0.49
CA HIS B 290 -12.75 31.94 0.84
C HIS B 290 -13.70 31.47 1.94
N LEU B 291 -15.00 31.66 1.73
CA LEU B 291 -16.02 31.26 2.72
C LEU B 291 -15.98 29.75 2.91
N THR B 292 -15.80 29.01 1.81
CA THR B 292 -15.78 27.56 1.88
C THR B 292 -14.55 27.06 2.62
N ALA B 293 -13.38 27.56 2.23
CA ALA B 293 -12.12 27.17 2.84
C ALA B 293 -12.19 27.50 4.36
N SER B 294 -12.73 28.67 4.69
CA SER B 294 -12.86 29.11 6.11
C SER B 294 -13.69 28.19 6.94
N THR B 295 -14.77 27.67 6.37
CA THR B 295 -15.62 26.71 7.07
C THR B 295 -14.90 25.39 7.27
N VAL B 296 -14.29 24.88 6.20
CA VAL B 296 -13.64 23.57 6.18
C VAL B 296 -12.52 23.47 7.24
N ILE B 297 -11.76 24.54 7.41
CA ILE B 297 -10.61 24.46 8.32
C ILE B 297 -10.99 24.44 9.82
N GLN B 298 -12.29 24.64 10.09
CA GLN B 298 -12.85 24.58 11.45
C GLN B 298 -13.37 23.23 11.89
N TYR B 299 -13.11 22.20 11.10
CA TYR B 299 -13.58 20.85 11.41
C TYR B 299 -12.46 19.95 11.01
N ARG B 300 -12.28 18.87 11.78
CA ARG B 300 -11.29 17.87 11.44
C ARG B 300 -11.73 17.17 10.17
N GLY B 301 -10.77 16.83 9.33
CA GLY B 301 -11.03 16.01 8.16
C GLY B 301 -11.16 16.89 6.92
N ALA B 302 -10.72 16.34 5.80
CA ALA B 302 -10.89 16.94 4.49
C ALA B 302 -12.36 17.27 4.18
N ILE B 303 -13.22 16.28 4.40
CA ILE B 303 -14.62 16.39 4.08
C ILE B 303 -15.37 16.57 5.37
N ILE B 304 -15.97 17.75 5.54
CA ILE B 304 -16.61 18.13 6.81
C ILE B 304 -18.03 17.57 6.84
N PRO B 305 -18.67 17.54 8.04
CA PRO B 305 -20.05 17.04 8.05
C PRO B 305 -20.91 17.82 7.07
N ARG B 306 -21.60 17.09 6.22
CA ARG B 306 -22.58 17.63 5.30
C ARG B 306 -23.54 18.46 6.09
N GLU B 307 -23.90 19.64 5.59
CA GLU B 307 -25.01 20.38 6.16
C GLU B 307 -26.31 19.64 5.75
N ALA B 308 -26.86 18.87 6.68
CA ALA B 308 -28.07 18.09 6.40
C ALA B 308 -29.33 18.98 6.36
N PRO B 310 -29.86 22.91 6.11
CA PRO B 310 -29.52 24.34 6.04
C PRO B 310 -30.76 25.23 6.29
#